data_6XZV
#
_entry.id   6XZV
#
_cell.length_a   66.244
_cell.length_b   66.244
_cell.length_c   252.522
_cell.angle_alpha   90.000
_cell.angle_beta   90.000
_cell.angle_gamma   120.000
#
_symmetry.space_group_name_H-M   'P 65 2 2'
#
loop_
_entity.id
_entity.type
_entity.pdbx_description
1 polymer 'Vitamin D3 receptor A'
2 polymer URA-UIA-URL-URY-URV-UZN-LYS
3 non-polymer 5-{2-[1-(5-HYDROXY-1,5-DIMETHYL-HEXYL)-7A-METHYL-OCTAHYDRO-INDEN-4-YLIDENE]-ETHYLIDENE}-4-METHYLENE-CYCLOHEXANE-1,3-DIOL
4 water water
#
loop_
_entity_poly.entity_id
_entity_poly.type
_entity_poly.pdbx_seq_one_letter_code
_entity_poly.pdbx_strand_id
1 'polypeptide(L)'
;GSHMLSDEQMQIINSLVEAHHKTYDDSYSDFVRFRPPVREGPVTRSASRAASLHSLSDASSDSFNHSPESVDTKLNFSNL
LMMYQDSGSPDSSEEDQQSRLSMLPHLADLVSYSIQKVIGFAKMIPGFRDLTAEDQIALLKSSAIEIIMLRSNQSFSLED
MSWSCGGPDFKYCINDVTKAGHTLELLEPLVKFQVGLKKLKLHEEEHVLLMAICLLSPDRPGVQDHVRIEALQDRLCDVL
QAYIRIQHPGGRLLYAKMIQKLADLRSLNEEHSKQYRSLSFQPEHSMQLTPLVLEVFGSEVS
;
A
2 'polypeptide(L)' (G2Z)(UIA)(URL)(MFH)(URV)(UZN)K B
#
# COMPACT_ATOMS: atom_id res chain seq x y z
N HIS A 3 11.88 -2.61 -26.93
CA HIS A 3 12.78 -1.58 -26.43
C HIS A 3 12.22 -0.18 -26.69
N MET A 4 10.94 -0.15 -27.08
CA MET A 4 10.21 1.10 -27.26
C MET A 4 8.84 0.98 -26.60
N LEU A 5 8.36 2.10 -26.06
CA LEU A 5 7.04 2.15 -25.46
C LEU A 5 6.03 2.61 -26.49
N SER A 6 4.94 1.86 -26.63
CA SER A 6 3.86 2.28 -27.53
C SER A 6 3.09 3.44 -26.91
N ASP A 7 2.29 4.10 -27.75
CA ASP A 7 1.48 5.22 -27.28
C ASP A 7 0.52 4.77 -26.18
N GLU A 8 -0.05 3.58 -26.31
CA GLU A 8 -0.95 3.07 -25.27
C GLU A 8 -0.19 2.73 -23.99
N GLN A 9 1.05 2.25 -24.10
CA GLN A 9 1.85 2.02 -22.90
C GLN A 9 2.27 3.33 -22.25
N MET A 10 2.56 4.35 -23.08
CA MET A 10 2.94 5.65 -22.55
C MET A 10 1.79 6.29 -21.78
N GLN A 11 0.57 6.19 -22.32
CA GLN A 11 -0.59 6.77 -21.65
C GLN A 11 -0.90 6.04 -20.34
N ILE A 12 -0.64 4.73 -20.29
CA ILE A 12 -0.84 4.00 -19.04
C ILE A 12 0.10 4.51 -17.96
N ILE A 13 1.36 4.77 -18.33
CA ILE A 13 2.32 5.33 -17.37
C ILE A 13 1.86 6.71 -16.92
N ASN A 14 1.49 7.56 -17.88
CA ASN A 14 1.02 8.90 -17.55
C ASN A 14 -0.22 8.86 -16.67
N SER A 15 -1.14 7.92 -16.93
CA SER A 15 -2.35 7.82 -16.12
C SER A 15 -2.04 7.39 -14.69
N LEU A 16 -1.10 6.45 -14.52
CA LEU A 16 -0.81 5.96 -13.19
C LEU A 16 -0.04 6.99 -12.36
N VAL A 17 0.90 7.71 -12.99
CA VAL A 17 1.66 8.72 -12.26
C VAL A 17 0.73 9.85 -11.81
N GLU A 18 -0.11 10.34 -12.71
CA GLU A 18 -1.04 11.41 -12.35
C GLU A 18 -2.04 10.94 -11.31
N ALA A 19 -2.51 9.69 -11.41
CA ALA A 19 -3.40 9.15 -10.40
C ALA A 19 -2.73 9.13 -9.03
N HIS A 20 -1.44 8.80 -8.99
CA HIS A 20 -0.72 8.78 -7.73
C HIS A 20 -0.56 10.19 -7.15
N HIS A 21 -0.22 11.17 -8.00
CA HIS A 21 -0.10 12.54 -7.53
C HIS A 21 -1.43 13.07 -6.99
N LYS A 22 -2.55 12.62 -7.57
CA LYS A 22 -3.86 13.04 -7.06
C LYS A 22 -4.13 12.45 -5.67
N THR A 23 -3.61 11.25 -5.39
CA THR A 23 -3.97 10.52 -4.17
C THR A 23 -2.85 10.49 -3.14
N TYR A 24 -1.72 11.15 -3.38
CA TYR A 24 -0.63 11.20 -2.41
C TYR A 24 -0.22 12.65 -2.22
N ASP A 25 -0.41 13.17 -1.00
CA ASP A 25 -0.11 14.56 -0.66
C ASP A 25 1.22 14.61 0.07
N ASP A 26 2.24 15.20 -0.57
CA ASP A 26 3.56 15.29 0.03
C ASP A 26 3.60 16.27 1.21
N SER A 27 2.61 17.16 1.33
CA SER A 27 2.55 18.05 2.48
C SER A 27 2.08 17.34 3.74
N TYR A 28 1.35 16.23 3.59
CA TYR A 28 0.75 15.52 4.72
C TYR A 28 -0.05 16.46 5.61
N SER A 29 -0.73 17.43 4.98
CA SER A 29 -1.44 18.46 5.72
C SER A 29 -2.79 17.99 6.24
N ASP A 30 -3.34 16.92 5.68
CA ASP A 30 -4.58 16.35 6.22
C ASP A 30 -4.37 15.64 7.55
N PHE A 31 -3.11 15.49 8.00
CA PHE A 31 -2.84 14.72 9.20
C PHE A 31 -3.29 15.43 10.46
N VAL A 32 -3.48 16.76 10.42
CA VAL A 32 -3.94 17.48 11.60
C VAL A 32 -5.38 17.14 11.92
N ARG A 33 -6.16 16.66 10.93
CA ARG A 33 -7.54 16.27 11.17
C ARG A 33 -7.66 14.87 11.77
N PHE A 34 -6.56 14.13 11.87
CA PHE A 34 -6.61 12.85 12.56
C PHE A 34 -6.72 13.05 14.07
N ARG A 35 -7.10 11.99 14.76
CA ARG A 35 -6.99 12.00 16.21
C ARG A 35 -5.52 12.11 16.60
N PRO A 36 -5.19 12.91 17.62
CA PRO A 36 -3.78 13.25 17.85
C PRO A 36 -2.97 12.06 18.28
N PRO A 37 -1.69 12.00 17.95
CA PRO A 37 -0.83 10.93 18.46
C PRO A 37 -0.45 11.16 19.91
N VAL A 38 -0.31 10.05 20.63
CA VAL A 38 0.03 10.08 22.05
C VAL A 38 1.19 9.12 22.29
N ARG A 39 2.30 9.65 22.78
CA ARG A 39 3.48 8.84 23.07
C ARG A 39 3.90 9.00 24.53
N ARG A 100 -3.29 2.30 27.63
CA ARG A 100 -2.60 1.40 26.71
C ARG A 100 -2.98 1.69 25.26
N LEU A 101 -2.11 1.28 24.35
CA LEU A 101 -2.30 1.48 22.91
C LEU A 101 -2.65 2.92 22.58
N SER A 102 -1.78 3.84 23.04
CA SER A 102 -2.05 5.27 22.92
C SER A 102 -1.94 5.75 21.48
N MET A 103 -1.14 5.07 20.66
CA MET A 103 -0.99 5.46 19.26
C MET A 103 -2.07 4.87 18.36
N LEU A 104 -2.92 3.99 18.87
CA LEU A 104 -3.91 3.34 18.02
C LEU A 104 -4.92 4.30 17.40
N PRO A 105 -5.47 5.29 18.12
CA PRO A 105 -6.39 6.23 17.43
C PRO A 105 -5.76 6.93 16.24
N HIS A 106 -4.57 7.50 16.42
CA HIS A 106 -3.92 8.24 15.33
C HIS A 106 -3.61 7.32 14.16
N LEU A 107 -3.00 6.16 14.43
CA LEU A 107 -2.60 5.28 13.34
C LEU A 107 -3.80 4.64 12.67
N ALA A 108 -4.91 4.47 13.38
CA ALA A 108 -6.12 3.99 12.73
C ALA A 108 -6.69 5.03 11.78
N ASP A 109 -6.70 6.30 12.19
CA ASP A 109 -7.11 7.38 11.28
C ASP A 109 -6.16 7.49 10.11
N LEU A 110 -4.86 7.30 10.34
CA LEU A 110 -3.88 7.37 9.26
C LEU A 110 -4.15 6.28 8.22
N VAL A 111 -4.34 5.04 8.67
CA VAL A 111 -4.58 3.94 7.73
C VAL A 111 -5.92 4.11 7.04
N SER A 112 -6.95 4.49 7.78
CA SER A 112 -8.27 4.71 7.16
C SER A 112 -8.20 5.81 6.11
N TYR A 113 -7.45 6.87 6.39
CA TYR A 113 -7.21 7.90 5.38
C TYR A 113 -6.50 7.32 4.16
N SER A 114 -5.50 6.45 4.39
CA SER A 114 -4.73 5.89 3.28
C SER A 114 -5.57 4.92 2.45
N ILE A 115 -6.45 4.16 3.09
CA ILE A 115 -7.35 3.27 2.36
C ILE A 115 -8.19 4.08 1.37
N GLN A 116 -8.70 5.24 1.81
CA GLN A 116 -9.44 6.11 0.90
C GLN A 116 -8.57 6.53 -0.29
N LYS A 117 -7.29 6.80 -0.04
CA LYS A 117 -6.40 7.20 -1.13
C LYS A 117 -6.08 6.02 -2.06
N VAL A 118 -5.91 4.82 -1.49
CA VAL A 118 -5.67 3.65 -2.31
C VAL A 118 -6.87 3.35 -3.19
N ILE A 119 -8.07 3.50 -2.63
CA ILE A 119 -9.29 3.30 -3.41
C ILE A 119 -9.34 4.28 -4.58
N GLY A 120 -9.03 5.55 -4.31
CA GLY A 120 -8.99 6.54 -5.38
C GLY A 120 -7.96 6.20 -6.44
N PHE A 121 -6.78 5.74 -6.01
CA PHE A 121 -5.74 5.37 -6.96
C PHE A 121 -6.15 4.16 -7.79
N ALA A 122 -6.78 3.18 -7.15
CA ALA A 122 -7.18 1.97 -7.87
C ALA A 122 -8.20 2.27 -8.95
N LYS A 123 -9.18 3.14 -8.65
CA LYS A 123 -10.22 3.46 -9.62
C LYS A 123 -9.69 4.20 -10.84
N MET A 124 -8.46 4.69 -10.80
CA MET A 124 -7.85 5.36 -11.95
C MET A 124 -6.83 4.49 -12.68
N ILE A 125 -6.65 3.25 -12.26
CA ILE A 125 -5.83 2.30 -13.00
C ILE A 125 -6.59 1.96 -14.28
N PRO A 126 -5.98 2.12 -15.46
CA PRO A 126 -6.70 1.83 -16.70
C PRO A 126 -7.17 0.38 -16.74
N GLY A 127 -8.47 0.21 -17.01
CA GLY A 127 -9.08 -1.10 -17.04
C GLY A 127 -9.63 -1.59 -15.73
N PHE A 128 -9.28 -0.93 -14.61
CA PHE A 128 -9.77 -1.39 -13.32
C PHE A 128 -11.28 -1.21 -13.18
N ARG A 129 -11.79 -0.06 -13.64
CA ARG A 129 -13.22 0.20 -13.53
C ARG A 129 -14.06 -0.68 -14.46
N ASP A 130 -13.44 -1.46 -15.33
CA ASP A 130 -14.17 -2.39 -16.18
C ASP A 130 -14.39 -3.75 -15.53
N LEU A 131 -13.70 -4.04 -14.43
CA LEU A 131 -13.97 -5.24 -13.67
C LEU A 131 -15.32 -5.12 -12.97
N THR A 132 -15.88 -6.26 -12.57
CA THR A 132 -17.11 -6.24 -11.78
C THR A 132 -16.82 -5.65 -10.40
N ALA A 133 -17.83 -4.99 -9.84
CA ALA A 133 -17.64 -4.30 -8.56
C ALA A 133 -17.17 -5.26 -7.47
N GLU A 134 -17.71 -6.48 -7.47
CA GLU A 134 -17.29 -7.47 -6.47
C GLU A 134 -15.81 -7.81 -6.61
N ASP A 135 -15.32 -7.90 -7.85
CA ASP A 135 -13.89 -8.16 -8.05
C ASP A 135 -13.05 -6.96 -7.61
N GLN A 136 -13.52 -5.74 -7.90
CA GLN A 136 -12.81 -4.55 -7.45
C GLN A 136 -12.66 -4.53 -5.93
N ILE A 137 -13.73 -4.91 -5.22
CA ILE A 137 -13.69 -4.90 -3.76
C ILE A 137 -12.77 -6.00 -3.24
N ALA A 138 -12.87 -7.20 -3.82
CA ALA A 138 -12.00 -8.30 -3.39
C ALA A 138 -10.53 -7.94 -3.57
N LEU A 139 -10.18 -7.32 -4.70
CA LEU A 139 -8.80 -6.89 -4.91
C LEU A 139 -8.37 -5.87 -3.87
N LEU A 140 -9.27 -4.94 -3.53
CA LEU A 140 -8.92 -3.90 -2.55
C LEU A 140 -8.73 -4.48 -1.16
N LYS A 141 -9.70 -5.26 -0.68
CA LYS A 141 -9.61 -5.81 0.66
C LYS A 141 -8.34 -6.63 0.86
N SER A 142 -7.98 -7.45 -0.15
CA SER A 142 -6.84 -8.35 0.01
C SER A 142 -5.51 -7.63 -0.09
N SER A 143 -5.45 -6.50 -0.79
CA SER A 143 -4.18 -5.85 -1.08
C SER A 143 -4.02 -4.47 -0.44
N ALA A 144 -5.05 -3.96 0.25
CA ALA A 144 -4.99 -2.59 0.77
C ALA A 144 -3.78 -2.40 1.68
N ILE A 145 -3.55 -3.34 2.60
CA ILE A 145 -2.42 -3.21 3.51
C ILE A 145 -1.10 -3.28 2.75
N GLU A 146 -1.07 -4.00 1.63
CA GLU A 146 0.15 -4.09 0.84
C GLU A 146 0.42 -2.79 0.09
N ILE A 147 -0.62 -2.15 -0.44
CA ILE A 147 -0.43 -0.87 -1.11
C ILE A 147 0.00 0.19 -0.12
N ILE A 148 -0.58 0.16 1.08
CA ILE A 148 -0.24 1.14 2.12
C ILE A 148 1.23 1.00 2.51
N MET A 149 1.68 -0.23 2.77
CA MET A 149 3.09 -0.46 3.05
C MET A 149 3.96 -0.05 1.88
N LEU A 150 3.47 -0.27 0.66
CA LEU A 150 4.23 0.09 -0.54
C LEU A 150 4.28 1.61 -0.70
N ARG A 151 3.12 2.28 -0.62
CA ARG A 151 3.09 3.72 -0.81
C ARG A 151 3.74 4.47 0.35
N SER A 152 3.88 3.84 1.51
CA SER A 152 4.52 4.48 2.65
C SER A 152 6.01 4.67 2.48
N ASN A 153 6.61 4.04 1.46
CA ASN A 153 8.05 4.18 1.26
C ASN A 153 8.45 5.62 0.97
N GLN A 154 7.54 6.42 0.41
CA GLN A 154 7.88 7.80 0.05
C GLN A 154 8.18 8.61 1.31
N SER A 155 7.49 8.32 2.40
CA SER A 155 7.72 9.03 3.64
C SER A 155 8.76 8.38 4.53
N PHE A 156 9.23 7.19 4.17
CA PHE A 156 10.27 6.52 4.95
C PHE A 156 11.62 7.19 4.70
N SER A 157 12.46 7.16 5.73
CA SER A 157 13.78 7.79 5.67
C SER A 157 14.82 6.82 6.20
N LEU A 158 15.90 6.65 5.43
CA LEU A 158 16.96 5.74 5.84
C LEU A 158 17.82 6.32 6.96
N GLU A 159 17.89 7.65 7.06
CA GLU A 159 18.77 8.28 8.03
C GLU A 159 18.37 7.92 9.46
N ASP A 160 17.07 7.94 9.75
CA ASP A 160 16.58 7.67 11.10
C ASP A 160 15.68 6.45 11.19
N MET A 161 15.41 5.77 10.07
CA MET A 161 14.66 4.52 10.05
C MET A 161 13.24 4.71 10.59
N SER A 162 12.52 5.65 9.97
CA SER A 162 11.16 5.95 10.39
C SER A 162 10.44 6.68 9.28
N TRP A 163 9.12 6.77 9.43
CA TRP A 163 8.27 7.52 8.51
C TRP A 163 8.13 8.94 9.02
N SER A 164 8.61 9.91 8.24
CA SER A 164 8.54 11.33 8.60
C SER A 164 7.51 11.99 7.70
N CYS A 165 6.37 12.34 8.27
CA CYS A 165 5.27 12.97 7.52
C CYS A 165 5.06 14.42 7.94
N GLY A 166 6.14 15.09 8.35
CA GLY A 166 6.05 16.43 8.88
C GLY A 166 6.97 16.62 10.07
N GLY A 167 6.42 17.13 11.16
CA GLY A 167 7.20 17.40 12.35
C GLY A 167 7.37 16.18 13.24
N PRO A 168 7.84 16.41 14.47
CA PRO A 168 8.03 15.28 15.39
C PRO A 168 6.74 14.57 15.75
N ASP A 169 5.61 15.29 15.77
CA ASP A 169 4.33 14.65 16.09
C ASP A 169 4.01 13.56 15.07
N PHE A 170 4.30 13.79 13.80
CA PHE A 170 3.96 12.87 12.73
C PHE A 170 5.18 12.09 12.23
N LYS A 171 6.16 11.88 13.12
CA LYS A 171 7.28 10.99 12.84
C LYS A 171 7.00 9.66 13.55
N TYR A 172 6.78 8.61 12.75
CA TYR A 172 6.33 7.33 13.26
C TYR A 172 7.53 6.39 13.36
N CYS A 173 8.01 6.19 14.58
N CYS A 173 8.01 6.17 14.57
CA CYS A 173 9.06 5.22 14.82
CA CYS A 173 9.09 5.21 14.78
C CYS A 173 8.46 3.83 14.97
C CYS A 173 8.47 3.83 14.99
N ILE A 174 9.34 2.80 15.15
CA ILE A 174 8.87 1.43 15.34
C ILE A 174 8.18 1.30 16.69
N ASN A 175 8.65 2.06 17.68
CA ASN A 175 8.04 2.02 19.01
C ASN A 175 6.64 2.61 18.99
N ASP A 176 6.37 3.56 18.09
CA ASP A 176 5.04 4.13 17.99
C ASP A 176 4.03 3.07 17.55
N VAL A 177 4.40 2.27 16.55
CA VAL A 177 3.48 1.25 16.05
C VAL A 177 3.33 0.14 17.08
N THR A 178 4.36 -0.09 17.91
CA THR A 178 4.21 -0.97 19.07
C THR A 178 3.03 -0.53 19.93
N LYS A 179 2.86 0.78 20.10
CA LYS A 179 1.75 1.33 20.85
C LYS A 179 0.45 1.39 20.05
N ALA A 180 0.38 0.68 18.92
CA ALA A 180 -0.87 0.48 18.20
C ALA A 180 -1.31 -0.98 18.21
N GLY A 181 -0.62 -1.82 18.97
CA GLY A 181 -0.99 -3.21 19.13
C GLY A 181 -0.19 -4.20 18.31
N HIS A 182 0.90 -3.79 17.68
CA HIS A 182 1.69 -4.66 16.83
C HIS A 182 3.02 -5.00 17.48
N THR A 183 3.57 -6.16 17.10
CA THR A 183 4.77 -6.72 17.72
C THR A 183 5.93 -6.69 16.73
N LEU A 184 7.09 -7.15 17.20
CA LEU A 184 8.30 -7.10 16.38
C LEU A 184 8.24 -8.09 15.23
N GLU A 185 7.43 -9.15 15.34
CA GLU A 185 7.31 -10.13 14.26
C GLU A 185 6.81 -9.47 12.99
N LEU A 186 5.93 -8.49 13.11
CA LEU A 186 5.49 -7.73 11.95
C LEU A 186 6.43 -6.57 11.64
N LEU A 187 6.94 -5.90 12.69
CA LEU A 187 7.55 -4.59 12.51
C LEU A 187 9.00 -4.69 12.03
N GLU A 188 9.77 -5.65 12.55
CA GLU A 188 11.14 -5.81 12.08
C GLU A 188 11.21 -6.15 10.59
N PRO A 189 10.44 -7.11 10.06
CA PRO A 189 10.45 -7.30 8.59
C PRO A 189 9.88 -6.12 7.84
N LEU A 190 8.92 -5.38 8.41
CA LEU A 190 8.37 -4.23 7.69
C LEU A 190 9.42 -3.15 7.48
N VAL A 191 10.24 -2.88 8.50
CA VAL A 191 11.32 -1.92 8.34
C VAL A 191 12.34 -2.44 7.34
N LYS A 192 12.68 -3.73 7.42
CA LYS A 192 13.61 -4.31 6.47
C LYS A 192 13.08 -4.20 5.05
N PHE A 193 11.77 -4.42 4.87
CA PHE A 193 11.15 -4.22 3.57
C PHE A 193 11.30 -2.77 3.10
N GLN A 194 11.08 -1.81 4.02
CA GLN A 194 11.23 -0.40 3.66
C GLN A 194 12.67 -0.08 3.27
N VAL A 195 13.64 -0.65 4.00
CA VAL A 195 15.04 -0.37 3.72
C VAL A 195 15.44 -0.95 2.37
N GLY A 196 15.07 -2.21 2.12
CA GLY A 196 15.38 -2.83 0.85
C GLY A 196 14.68 -2.17 -0.33
N LEU A 197 13.47 -1.67 -0.10
CA LEU A 197 12.76 -0.96 -1.16
C LEU A 197 13.37 0.43 -1.39
N LYS A 198 13.76 1.10 -0.31
CA LYS A 198 14.36 2.43 -0.42
C LYS A 198 15.68 2.37 -1.17
N LYS A 199 16.47 1.31 -0.93
CA LYS A 199 17.76 1.18 -1.60
C LYS A 199 17.63 0.95 -3.09
N LEU A 200 16.49 0.45 -3.57
CA LEU A 200 16.31 0.23 -5.00
C LEU A 200 16.25 1.53 -5.79
N LYS A 201 15.92 2.65 -5.14
CA LYS A 201 15.90 3.97 -5.79
C LYS A 201 15.01 3.94 -7.02
N LEU A 202 13.79 3.43 -6.83
CA LEU A 202 12.85 3.32 -7.95
C LEU A 202 12.47 4.68 -8.51
N HIS A 203 12.32 4.73 -9.82
CA HIS A 203 11.70 5.89 -10.43
C HIS A 203 10.23 5.96 -10.00
N GLU A 204 9.66 7.16 -10.09
CA GLU A 204 8.24 7.32 -9.75
C GLU A 204 7.37 6.46 -10.64
N GLU A 205 7.73 6.36 -11.93
CA GLU A 205 6.98 5.49 -12.84
C GLU A 205 7.04 4.04 -12.38
N GLU A 206 8.21 3.59 -11.93
CA GLU A 206 8.34 2.21 -11.45
C GLU A 206 7.58 2.00 -10.14
N HIS A 207 7.61 2.99 -9.26
CA HIS A 207 6.93 2.87 -7.98
C HIS A 207 5.43 2.72 -8.17
N VAL A 208 4.83 3.53 -9.05
CA VAL A 208 3.39 3.48 -9.23
C VAL A 208 2.99 2.26 -10.05
N LEU A 209 3.84 1.82 -10.97
CA LEU A 209 3.55 0.59 -11.70
C LEU A 209 3.58 -0.62 -10.78
N LEU A 210 4.49 -0.62 -9.80
CA LEU A 210 4.54 -1.72 -8.85
C LEU A 210 3.29 -1.76 -7.98
N MET A 211 2.78 -0.58 -7.59
CA MET A 211 1.55 -0.54 -6.82
C MET A 211 0.36 -1.06 -7.62
N ALA A 212 0.26 -0.67 -8.89
CA ALA A 212 -0.83 -1.14 -9.74
C ALA A 212 -0.73 -2.64 -9.97
N ILE A 213 0.48 -3.15 -10.17
CA ILE A 213 0.68 -4.59 -10.36
C ILE A 213 0.27 -5.35 -9.10
N CYS A 214 0.71 -4.87 -7.94
CA CYS A 214 0.33 -5.51 -6.68
C CYS A 214 -1.18 -5.53 -6.50
N LEU A 215 -1.85 -4.43 -6.86
CA LEU A 215 -3.29 -4.34 -6.67
C LEU A 215 -4.02 -5.32 -7.58
N LEU A 216 -3.51 -5.53 -8.80
CA LEU A 216 -4.16 -6.38 -9.78
C LEU A 216 -3.64 -7.80 -9.75
N SER A 217 -3.16 -8.27 -8.62
CA SER A 217 -2.79 -9.67 -8.48
C SER A 217 -4.04 -10.54 -8.53
N PRO A 218 -4.10 -11.55 -9.40
CA PRO A 218 -5.31 -12.39 -9.45
C PRO A 218 -5.42 -13.36 -8.30
N ASP A 219 -4.29 -13.70 -7.66
CA ASP A 219 -4.23 -14.70 -6.60
C ASP A 219 -4.63 -14.09 -5.26
N ARG A 220 -5.91 -13.74 -5.17
CA ARG A 220 -6.46 -13.17 -3.94
C ARG A 220 -7.76 -13.89 -3.59
N PRO A 221 -8.10 -13.97 -2.32
CA PRO A 221 -9.39 -14.55 -1.94
C PRO A 221 -10.55 -13.72 -2.45
N GLY A 222 -11.56 -14.39 -2.99
CA GLY A 222 -12.79 -13.74 -3.40
C GLY A 222 -12.82 -13.26 -4.84
N VAL A 223 -11.74 -13.43 -5.59
CA VAL A 223 -11.72 -13.00 -6.98
C VAL A 223 -12.44 -14.03 -7.84
N GLN A 224 -13.28 -13.55 -8.77
CA GLN A 224 -14.07 -14.42 -9.63
C GLN A 224 -13.49 -14.50 -11.05
N ASP A 225 -13.36 -13.35 -11.71
CA ASP A 225 -12.86 -13.30 -13.10
C ASP A 225 -11.33 -13.29 -13.06
N HIS A 226 -10.76 -14.46 -12.74
CA HIS A 226 -9.32 -14.59 -12.59
C HIS A 226 -8.56 -14.42 -13.91
N VAL A 227 -9.26 -14.51 -15.04
CA VAL A 227 -8.56 -14.44 -16.32
C VAL A 227 -8.38 -12.98 -16.73
N ARG A 228 -9.42 -12.17 -16.52
CA ARG A 228 -9.33 -10.78 -16.93
C ARG A 228 -8.34 -10.00 -16.08
N ILE A 229 -8.36 -10.21 -14.76
CA ILE A 229 -7.38 -9.57 -13.88
C ILE A 229 -5.97 -9.97 -14.29
N GLU A 230 -5.79 -11.24 -14.66
CA GLU A 230 -4.48 -11.70 -15.14
C GLU A 230 -4.05 -10.93 -16.39
N ALA A 231 -5.00 -10.67 -17.29
CA ALA A 231 -4.67 -9.91 -18.50
C ALA A 231 -4.26 -8.48 -18.17
N LEU A 232 -5.01 -7.82 -17.29
CA LEU A 232 -4.68 -6.45 -16.92
C LEU A 232 -3.31 -6.37 -16.25
N GLN A 233 -3.03 -7.29 -15.33
CA GLN A 233 -1.74 -7.27 -14.64
C GLN A 233 -0.60 -7.55 -15.62
N ASP A 234 -0.85 -8.40 -16.62
CA ASP A 234 0.19 -8.69 -17.61
C ASP A 234 0.49 -7.46 -18.47
N ARG A 235 -0.54 -6.68 -18.83
CA ARG A 235 -0.31 -5.44 -19.55
C ARG A 235 0.58 -4.51 -18.75
N LEU A 236 0.31 -4.37 -17.45
CA LEU A 236 1.11 -3.49 -16.62
C LEU A 236 2.52 -4.02 -16.42
N CYS A 237 2.66 -5.34 -16.28
CA CYS A 237 3.99 -5.93 -16.19
C CYS A 237 4.77 -5.71 -17.48
N ASP A 238 4.11 -5.86 -18.63
CA ASP A 238 4.76 -5.57 -19.91
C ASP A 238 5.20 -4.11 -19.96
N VAL A 239 4.30 -3.20 -19.60
CA VAL A 239 4.61 -1.77 -19.58
C VAL A 239 5.84 -1.52 -18.69
N LEU A 240 5.84 -2.14 -17.52
CA LEU A 240 6.93 -1.93 -16.57
C LEU A 240 8.23 -2.51 -17.08
N GLN A 241 8.18 -3.70 -17.69
CA GLN A 241 9.39 -4.33 -18.21
C GLN A 241 10.01 -3.49 -19.32
N ALA A 242 9.17 -2.91 -20.19
CA ALA A 242 9.70 -2.07 -21.25
C ALA A 242 10.27 -0.76 -20.71
N TYR A 243 9.67 -0.22 -19.63
CA TYR A 243 10.21 0.98 -19.02
C TYR A 243 11.59 0.74 -18.42
N ILE A 244 11.75 -0.38 -17.71
CA ILE A 244 13.04 -0.68 -17.09
C ILE A 244 14.11 -0.90 -18.14
N ARG A 245 13.78 -1.63 -19.22
CA ARG A 245 14.72 -1.82 -20.32
C ARG A 245 15.27 -0.50 -20.81
N ILE A 246 14.38 0.45 -21.10
CA ILE A 246 14.79 1.69 -21.75
C ILE A 246 15.62 2.55 -20.80
N GLN A 247 15.24 2.61 -19.53
CA GLN A 247 15.81 3.56 -18.58
C GLN A 247 17.03 3.03 -17.83
N HIS A 248 17.32 1.74 -17.91
CA HIS A 248 18.38 1.18 -17.09
C HIS A 248 19.27 0.25 -17.90
N PRO A 249 20.55 0.10 -17.50
CA PRO A 249 21.49 -0.81 -18.17
C PRO A 249 21.00 -2.26 -18.18
N LEU A 253 17.29 -7.93 -13.85
CA LEU A 253 17.81 -7.74 -12.50
C LEU A 253 16.86 -6.88 -11.67
N LEU A 254 16.58 -5.67 -12.14
CA LEU A 254 15.71 -4.77 -11.40
C LEU A 254 14.27 -5.28 -11.40
N TYR A 255 13.81 -5.80 -12.55
CA TYR A 255 12.45 -6.35 -12.59
C TYR A 255 12.27 -7.49 -11.61
N ALA A 256 13.25 -8.40 -11.53
CA ALA A 256 13.16 -9.53 -10.62
C ALA A 256 13.13 -9.07 -9.16
N LYS A 257 13.93 -8.07 -8.81
CA LYS A 257 13.96 -7.57 -7.45
C LYS A 257 12.62 -6.98 -7.05
N MET A 258 11.98 -6.23 -7.95
CA MET A 258 10.71 -5.62 -7.63
C MET A 258 9.60 -6.66 -7.53
N ILE A 259 9.66 -7.70 -8.38
CA ILE A 259 8.72 -8.81 -8.25
C ILE A 259 8.92 -9.53 -6.92
N GLN A 260 10.18 -9.62 -6.48
CA GLN A 260 10.46 -10.20 -5.17
C GLN A 260 9.83 -9.38 -4.04
N LYS A 261 9.77 -8.05 -4.21
CA LYS A 261 9.12 -7.21 -3.21
C LYS A 261 7.65 -7.53 -3.07
N LEU A 262 7.00 -7.95 -4.16
CA LEU A 262 5.61 -8.36 -4.07
C LEU A 262 5.46 -9.63 -3.24
N ALA A 263 6.45 -10.53 -3.29
CA ALA A 263 6.43 -11.70 -2.43
C ALA A 263 6.65 -11.32 -0.97
N ASP A 264 7.49 -10.32 -0.71
CA ASP A 264 7.65 -9.84 0.66
C ASP A 264 6.34 -9.29 1.20
N LEU A 265 5.58 -8.60 0.36
CA LEU A 265 4.32 -8.00 0.81
C LEU A 265 3.32 -9.08 1.19
N ARG A 266 3.31 -10.21 0.48
CA ARG A 266 2.43 -11.31 0.85
C ARG A 266 2.73 -11.79 2.27
N SER A 267 4.01 -11.83 2.65
CA SER A 267 4.38 -12.26 3.99
C SER A 267 4.01 -11.20 5.02
N LEU A 268 4.25 -9.93 4.72
CA LEU A 268 3.85 -8.85 5.62
C LEU A 268 2.34 -8.81 5.78
N ASN A 269 1.61 -9.01 4.69
CA ASN A 269 0.15 -9.07 4.75
C ASN A 269 -0.31 -10.18 5.70
N GLU A 270 0.32 -11.34 5.60
CA GLU A 270 -0.09 -12.48 6.42
C GLU A 270 0.11 -12.20 7.91
N GLU A 271 1.25 -11.58 8.26
CA GLU A 271 1.53 -11.33 9.67
C GLU A 271 0.63 -10.22 10.21
N HIS A 272 0.32 -9.22 9.39
CA HIS A 272 -0.52 -8.12 9.87
C HIS A 272 -1.93 -8.58 10.15
N SER A 273 -2.53 -9.33 9.22
CA SER A 273 -3.89 -9.84 9.43
C SER A 273 -3.98 -10.68 10.68
N LYS A 274 -2.90 -11.39 11.02
CA LYS A 274 -2.87 -12.15 12.26
C LYS A 274 -2.94 -11.22 13.47
N GLN A 275 -2.07 -10.21 13.50
CA GLN A 275 -2.05 -9.30 14.64
C GLN A 275 -3.26 -8.37 14.65
N TYR A 276 -3.82 -8.06 13.48
CA TYR A 276 -5.03 -7.25 13.44
C TYR A 276 -6.23 -8.03 13.98
N ARG A 277 -6.33 -9.31 13.61
CA ARG A 277 -7.47 -10.12 14.04
C ARG A 277 -7.54 -10.20 15.56
N SER A 278 -6.41 -10.45 16.21
CA SER A 278 -6.37 -10.43 17.67
C SER A 278 -6.71 -9.05 18.21
N LEU A 279 -6.26 -8.00 17.53
CA LEU A 279 -6.55 -6.64 17.96
C LEU A 279 -8.03 -6.31 17.80
N SER A 280 -8.66 -6.80 16.73
CA SER A 280 -10.03 -6.41 16.41
C SER A 280 -11.04 -7.12 17.31
N PHE A 281 -10.64 -8.21 17.97
CA PHE A 281 -11.52 -8.94 18.86
C PHE A 281 -11.46 -8.48 20.31
N GLN A 282 -10.74 -7.40 20.57
CA GLN A 282 -10.70 -6.81 21.90
C GLN A 282 -11.52 -5.53 21.88
N PRO A 283 -12.68 -5.49 22.56
CA PRO A 283 -13.59 -4.34 22.37
C PRO A 283 -12.97 -2.99 22.72
N GLU A 284 -12.13 -2.93 23.75
CA GLU A 284 -11.52 -1.65 24.10
C GLU A 284 -10.65 -1.12 22.97
N HIS A 285 -10.14 -2.01 22.11
CA HIS A 285 -9.28 -1.61 21.00
C HIS A 285 -10.05 -1.48 19.69
N SER A 286 -10.96 -2.41 19.40
CA SER A 286 -11.73 -2.34 18.16
C SER A 286 -12.58 -1.08 18.09
N MET A 287 -13.04 -0.58 19.25
CA MET A 287 -13.80 0.65 19.26
C MET A 287 -12.95 1.87 18.92
N GLN A 288 -11.63 1.72 18.90
CA GLN A 288 -10.74 2.80 18.51
C GLN A 288 -10.44 2.82 17.02
N LEU A 289 -10.87 1.79 16.29
CA LEU A 289 -10.67 1.74 14.84
C LEU A 289 -11.70 2.64 14.16
N THR A 290 -11.74 2.60 12.83
CA THR A 290 -12.67 3.37 12.03
C THR A 290 -13.59 2.42 11.27
N PRO A 291 -14.73 2.91 10.77
CA PRO A 291 -15.61 2.04 9.98
C PRO A 291 -14.92 1.45 8.76
N LEU A 292 -14.09 2.24 8.08
CA LEU A 292 -13.43 1.75 6.87
C LEU A 292 -12.39 0.69 7.20
N VAL A 293 -11.67 0.85 8.31
CA VAL A 293 -10.68 -0.15 8.70
C VAL A 293 -11.36 -1.47 9.07
N LEU A 294 -12.51 -1.40 9.75
CA LEU A 294 -13.23 -2.61 10.11
C LEU A 294 -13.74 -3.35 8.89
N GLU A 295 -14.13 -2.63 7.84
CA GLU A 295 -14.59 -3.29 6.61
C GLU A 295 -13.44 -3.93 5.85
N VAL A 296 -12.39 -3.16 5.57
CA VAL A 296 -11.33 -3.64 4.70
C VAL A 296 -10.57 -4.80 5.35
N PHE A 297 -10.21 -4.65 6.61
CA PHE A 297 -9.44 -5.67 7.31
C PHE A 297 -10.31 -6.67 8.06
N GLY A 298 -11.64 -6.53 7.99
CA GLY A 298 -12.52 -7.43 8.70
C GLY A 298 -12.72 -8.75 7.99
N SER A 299 -13.37 -9.67 8.70
CA SER A 299 -13.54 -11.03 8.20
C SER A 299 -14.81 -11.21 7.38
N GLU A 300 -15.83 -10.39 7.62
CA GLU A 300 -17.08 -10.52 6.86
C GLU A 300 -16.87 -10.10 5.41
N VAL A 301 -17.59 -10.78 4.52
CA VAL A 301 -17.51 -10.49 3.08
C VAL A 301 -18.88 -10.62 2.45
N LYS B 7 -20.31 4.14 -5.78
CA LYS B 7 -21.18 5.10 -6.44
#